data_4LU4
#
_entry.id   4LU4
#
_cell.length_a   57.560
_cell.length_b   43.630
_cell.length_c   88.760
_cell.angle_alpha   90.00
_cell.angle_beta   91.53
_cell.angle_gamma   90.00
#
_symmetry.space_group_name_H-M   'P 1 21 1'
#
loop_
_entity.id
_entity.type
_entity.pdbx_description
1 polymer 'Putative cell filamentation protein'
2 non-polymer 'CHLORIDE ION'
3 non-polymer 'BROMIDE ION'
4 non-polymer 'IODIDE ION'
5 water water
#
_entity_poly.entity_id   1
_entity_poly.type   'polypeptide(L)'
_entity_poly.pdbx_seq_one_letter_code
;MAHHHHHHMEHNYFYKNSATLKNKHGIKNPRKLYERCAHETAREAVNFRLEPPPGKFDAAYLRTIHWCLFHNTFEWAGVT
RDQPFTFEDGSTACMPAMRPKGYKVPFAVGSQIQRELKKLEQRLTAKNNLQGLSRQEFAANAAEVFTALDHAHPFRKGNG
RTQRMFMEKLGQAAGYKIDFSLITKERMTYASIEAMQHNNPEPMKDLFEDITHPQKSLLLKEFISQM
;
_entity_poly.pdbx_strand_id   A,B
#
# COMPACT_ATOMS: atom_id res chain seq x y z
N HIS A 7 -7.13 -7.91 -27.55
CA HIS A 7 -8.29 -7.41 -26.73
C HIS A 7 -8.40 -8.20 -25.43
N HIS A 8 -8.24 -9.52 -25.50
CA HIS A 8 -8.43 -10.35 -24.29
C HIS A 8 -7.45 -9.99 -23.17
N MET A 9 -6.28 -9.44 -23.50
CA MET A 9 -5.29 -9.06 -22.48
C MET A 9 -5.62 -7.82 -21.65
N GLU A 10 -6.49 -6.94 -22.20
CA GLU A 10 -6.99 -5.75 -21.51
C GLU A 10 -7.55 -6.09 -20.17
N HIS A 11 -8.25 -7.20 -20.06
CA HIS A 11 -8.93 -7.53 -18.79
C HIS A 11 -8.00 -7.90 -17.65
N ASN A 12 -6.74 -8.20 -17.98
CA ASN A 12 -5.77 -8.71 -17.01
C ASN A 12 -5.19 -7.57 -16.18
N TYR A 13 -5.57 -6.34 -16.51
CA TYR A 13 -5.24 -5.18 -15.66
C TYR A 13 -6.15 -5.11 -14.42
N PHE A 14 -7.31 -5.81 -14.48
CA PHE A 14 -8.37 -5.73 -13.48
C PHE A 14 -8.51 -6.98 -12.63
N TYR A 15 -9.04 -6.85 -11.40
CA TYR A 15 -9.41 -8.01 -10.65
C TYR A 15 -10.54 -8.75 -11.37
N LYS A 16 -10.54 -10.07 -11.23
CA LYS A 16 -11.61 -10.93 -11.76
C LYS A 16 -13.01 -10.33 -11.45
N ASN A 17 -13.85 -10.28 -12.47
CA ASN A 17 -15.23 -9.81 -12.37
C ASN A 17 -15.35 -8.38 -11.89
N SER A 18 -14.31 -7.58 -12.01
CA SER A 18 -14.37 -6.23 -11.49
C SER A 18 -13.88 -5.22 -12.49
N ALA A 19 -14.25 -3.97 -12.27
CA ALA A 19 -13.69 -2.90 -13.08
C ALA A 19 -12.66 -2.16 -12.22
N THR A 20 -12.04 -2.84 -11.24
CA THR A 20 -11.01 -2.21 -10.46
C THR A 20 -9.58 -2.67 -10.85
N LEU A 21 -8.69 -1.73 -11.09
CA LEU A 21 -7.28 -2.07 -11.43
C LEU A 21 -6.58 -2.82 -10.32
N LYS A 22 -5.90 -3.89 -10.70
CA LYS A 22 -5.04 -4.59 -9.77
C LYS A 22 -4.05 -3.61 -9.18
N ASN A 23 -3.86 -3.67 -7.90
CA ASN A 23 -2.90 -2.74 -7.27
C ASN A 23 -2.23 -3.30 -6.06
N LYS A 24 -1.11 -2.69 -5.67
CA LYS A 24 -0.33 -3.27 -4.59
C LYS A 24 -0.93 -3.10 -3.18
N HIS A 25 -2.00 -2.32 -3.05
CA HIS A 25 -2.73 -2.18 -1.79
C HIS A 25 -3.84 -3.20 -1.60
N GLY A 26 -4.18 -3.96 -2.63
CA GLY A 26 -5.26 -4.93 -2.51
C GLY A 26 -6.67 -4.33 -2.47
N ILE A 27 -6.81 -3.06 -2.83
CA ILE A 27 -8.09 -2.40 -2.72
C ILE A 27 -8.98 -2.83 -3.90
N LYS A 28 -10.23 -3.17 -3.65
CA LYS A 28 -11.16 -3.58 -4.73
C LYS A 28 -12.30 -2.62 -5.06
N ASN A 29 -12.36 -1.47 -4.37
CA ASN A 29 -13.33 -0.42 -4.67
C ASN A 29 -12.58 0.67 -5.43
N PRO A 30 -13.07 1.01 -6.65
CA PRO A 30 -12.31 1.86 -7.55
C PRO A 30 -12.15 3.30 -7.05
N ARG A 31 -13.14 3.80 -6.31
CA ARG A 31 -13.08 5.13 -5.68
C ARG A 31 -12.09 5.17 -4.51
N LYS A 32 -12.02 4.10 -3.74
CA LYS A 32 -11.08 4.02 -2.64
C LYS A 32 -9.67 3.84 -3.17
N LEU A 33 -9.53 3.07 -4.24
CA LEU A 33 -8.21 2.96 -4.90
C LEU A 33 -7.72 4.34 -5.35
N TYR A 34 -8.60 5.07 -6.02
CA TYR A 34 -8.30 6.41 -6.44
C TYR A 34 -7.80 7.26 -5.25
N GLU A 35 -8.52 7.23 -4.12
CA GLU A 35 -8.12 8.05 -2.99
C GLU A 35 -6.75 7.69 -2.46
N ARG A 36 -6.45 6.41 -2.39
CA ARG A 36 -5.13 5.96 -1.86
C ARG A 36 -4.01 6.29 -2.86
N CYS A 37 -4.30 6.05 -4.14
CA CYS A 37 -3.34 6.35 -5.21
C CYS A 37 -3.04 7.86 -5.21
N ALA A 38 -4.07 8.68 -4.99
CA ALA A 38 -3.86 10.14 -4.93
C ALA A 38 -2.91 10.54 -3.79
N HIS A 39 -3.07 9.85 -2.68
CA HIS A 39 -2.31 10.11 -1.47
C HIS A 39 -0.86 9.67 -1.67
N GLU A 40 -0.67 8.50 -2.31
CA GLU A 40 0.69 8.02 -2.48
C GLU A 40 1.47 8.88 -3.50
N THR A 41 0.84 9.24 -4.61
CA THR A 41 1.55 9.97 -5.66
C THR A 41 1.87 11.44 -5.20
N ALA A 42 0.91 12.08 -4.54
CA ALA A 42 1.18 13.43 -3.93
C ALA A 42 2.45 13.42 -3.07
N ARG A 43 2.61 12.40 -2.19
CA ARG A 43 3.83 12.24 -1.34
C ARG A 43 5.08 12.09 -2.20
N GLU A 44 5.04 11.22 -3.21
CA GLU A 44 6.18 11.02 -4.08
C GLU A 44 6.52 12.29 -4.91
N ALA A 45 5.52 13.04 -5.36
CA ALA A 45 5.75 14.25 -6.19
C ALA A 45 6.58 15.30 -5.43
N VAL A 46 6.44 15.34 -4.11
CA VAL A 46 7.14 16.34 -3.29
C VAL A 46 8.66 16.18 -3.48
N ASN A 47 9.15 14.95 -3.31
CA ASN A 47 10.58 14.64 -3.57
C ASN A 47 10.97 14.74 -5.06
N PHE A 48 10.11 14.32 -5.96
CA PHE A 48 10.51 14.33 -7.36
C PHE A 48 10.74 15.78 -7.86
N ARG A 49 9.98 16.72 -7.36
CA ARG A 49 10.21 18.14 -7.70
C ARG A 49 11.65 18.65 -7.42
N LEU A 50 12.34 18.01 -6.46
CA LEU A 50 13.72 18.44 -6.06
C LEU A 50 14.80 17.73 -6.91
N GLU A 51 14.42 16.77 -7.73
CA GLU A 51 15.37 16.07 -8.60
C GLU A 51 15.91 16.96 -9.72
N PRO A 52 17.20 16.77 -10.08
CA PRO A 52 17.72 17.49 -11.24
C PRO A 52 17.01 17.01 -12.51
N PRO A 53 16.92 17.90 -13.50
CA PRO A 53 16.24 17.57 -14.73
C PRO A 53 17.17 16.79 -15.72
N PRO A 54 16.57 15.92 -16.54
CA PRO A 54 17.40 15.19 -17.53
C PRO A 54 17.83 16.16 -18.63
N GLY A 55 18.73 15.71 -19.53
CA GLY A 55 19.02 16.47 -20.74
C GLY A 55 18.04 16.33 -21.91
N LYS A 56 17.20 15.31 -21.86
CA LYS A 56 16.14 15.02 -22.85
C LYS A 56 14.78 14.83 -22.10
N PHE A 57 13.75 15.46 -22.65
CA PHE A 57 12.39 15.26 -22.22
C PHE A 57 11.63 14.31 -23.18
N ASP A 58 11.81 13.02 -22.95
CA ASP A 58 11.41 11.95 -23.86
C ASP A 58 10.61 10.85 -23.17
N ALA A 59 10.33 9.79 -23.92
CA ALA A 59 9.53 8.67 -23.39
C ALA A 59 10.20 8.00 -22.18
N ALA A 60 11.53 7.87 -22.19
CA ALA A 60 12.22 7.32 -21.00
C ALA A 60 11.99 8.19 -19.76
N TYR A 61 12.07 9.49 -19.90
CA TYR A 61 11.79 10.36 -18.76
C TYR A 61 10.37 10.28 -18.25
N LEU A 62 9.42 10.31 -19.17
CA LEU A 62 8.04 10.05 -18.77
C LEU A 62 7.86 8.72 -18.00
N ARG A 63 8.55 7.66 -18.44
CA ARG A 63 8.53 6.38 -17.74
C ARG A 63 9.12 6.55 -16.34
N THR A 64 10.19 7.33 -16.25
CA THR A 64 10.81 7.58 -14.94
C THR A 64 9.85 8.27 -13.96
N ILE A 65 9.11 9.26 -14.44
CA ILE A 65 8.15 10.03 -13.65
C ILE A 65 7.01 9.10 -13.20
N HIS A 66 6.46 8.39 -14.16
CA HIS A 66 5.42 7.45 -13.88
C HIS A 66 5.87 6.45 -12.88
N TRP A 67 7.05 5.85 -13.03
CA TRP A 67 7.54 4.93 -11.97
C TRP A 67 7.63 5.59 -10.58
N CYS A 68 8.31 6.71 -10.51
CA CYS A 68 8.51 7.39 -9.26
C CYS A 68 7.17 7.68 -8.61
N LEU A 69 6.17 8.07 -9.38
CA LEU A 69 4.90 8.49 -8.76
C LEU A 69 4.01 7.29 -8.41
N PHE A 70 4.02 6.25 -9.24
CA PHE A 70 3.06 5.13 -9.11
C PHE A 70 3.57 3.79 -8.64
N HIS A 71 4.88 3.61 -8.42
CA HIS A 71 5.40 2.30 -8.03
C HIS A 71 4.89 1.70 -6.69
N ASN A 72 4.44 2.53 -5.74
CA ASN A 72 3.79 2.00 -4.52
C ASN A 72 2.38 1.41 -4.73
N THR A 73 1.77 1.69 -5.88
CA THR A 73 0.41 1.33 -6.20
C THR A 73 0.26 0.31 -7.33
N PHE A 74 1.05 0.47 -8.40
CA PHE A 74 0.89 -0.37 -9.59
C PHE A 74 2.19 -1.14 -9.92
N GLU A 75 2.07 -2.46 -10.10
CA GLU A 75 3.17 -3.34 -10.55
C GLU A 75 3.76 -2.88 -11.82
N TRP A 76 2.91 -2.39 -12.72
CA TRP A 76 3.32 -1.84 -14.06
C TRP A 76 3.69 -0.32 -14.12
N ALA A 77 3.95 0.29 -12.96
CA ALA A 77 4.50 1.62 -12.94
C ALA A 77 5.75 1.73 -13.79
N GLY A 78 5.79 2.75 -14.62
CA GLY A 78 6.93 2.94 -15.52
C GLY A 78 6.77 2.22 -16.87
N VAL A 79 5.65 1.52 -17.09
CA VAL A 79 5.48 0.75 -18.32
C VAL A 79 4.29 1.30 -19.10
N THR A 80 4.51 1.63 -20.36
CA THR A 80 3.47 2.14 -21.26
C THR A 80 2.48 1.03 -21.68
N ARG A 81 1.27 1.43 -21.97
CA ARG A 81 0.19 0.46 -22.20
C ARG A 81 0.27 -0.31 -23.52
N ASP A 82 1.16 0.09 -24.44
CA ASP A 82 1.44 -0.70 -25.63
C ASP A 82 2.30 -1.92 -25.33
N GLN A 83 2.94 -1.96 -24.15
CA GLN A 83 3.85 -3.02 -23.78
C GLN A 83 3.17 -4.14 -23.00
N PRO A 84 3.18 -5.41 -23.51
CA PRO A 84 2.72 -6.53 -22.68
C PRO A 84 3.40 -6.51 -21.35
N PHE A 85 2.63 -6.54 -20.26
CA PHE A 85 3.18 -6.55 -18.94
C PHE A 85 2.71 -7.80 -18.16
N THR A 86 3.65 -8.54 -17.56
CA THR A 86 3.27 -9.73 -16.84
C THR A 86 3.30 -9.49 -15.34
N PHE A 87 2.17 -9.70 -14.71
CA PHE A 87 2.03 -9.52 -13.30
C PHE A 87 2.69 -10.67 -12.51
N GLU A 88 2.98 -10.42 -11.24
CA GLU A 88 3.41 -11.54 -10.36
C GLU A 88 2.41 -12.70 -10.36
N ASP A 89 1.13 -12.40 -10.56
CA ASP A 89 0.12 -13.44 -10.65
C ASP A 89 0.16 -14.30 -11.93
N GLY A 90 1.09 -14.06 -12.84
CA GLY A 90 1.25 -14.83 -14.08
C GLY A 90 0.58 -14.32 -15.33
N SER A 91 -0.43 -13.48 -15.15
CA SER A 91 -1.22 -12.98 -16.24
C SER A 91 -0.53 -11.83 -16.95
N THR A 92 -0.80 -11.68 -18.23
CA THR A 92 -0.17 -10.61 -19.05
C THR A 92 -1.22 -9.64 -19.57
N ALA A 93 -0.99 -8.35 -19.32
CA ALA A 93 -1.90 -7.27 -19.69
C ALA A 93 -1.28 -6.29 -20.74
N CYS A 94 -2.12 -5.73 -21.60
CA CYS A 94 -1.79 -4.49 -22.29
C CYS A 94 -3.09 -3.91 -22.89
N MET A 95 -3.00 -2.66 -23.33
CA MET A 95 -4.14 -1.90 -23.91
C MET A 95 -3.63 -0.94 -24.98
N PRO A 96 -3.45 -1.48 -26.18
CA PRO A 96 -2.86 -0.66 -27.25
C PRO A 96 -3.82 0.45 -27.69
N ALA A 97 -5.14 0.24 -27.49
CA ALA A 97 -6.21 1.16 -27.92
C ALA A 97 -7.24 1.41 -26.80
N MET A 98 -7.49 2.67 -26.48
CA MET A 98 -8.50 3.02 -25.49
C MET A 98 -9.85 2.85 -26.22
N ARG A 99 -10.76 2.08 -25.65
CA ARG A 99 -12.04 1.83 -26.36
C ARG A 99 -13.19 1.86 -25.36
N PRO A 100 -13.45 3.01 -24.73
CA PRO A 100 -14.52 3.04 -23.73
C PRO A 100 -15.87 2.60 -24.32
N LYS A 101 -16.60 1.71 -23.64
CA LYS A 101 -17.93 1.27 -24.11
C LYS A 101 -17.87 0.66 -25.51
N GLY A 102 -16.66 0.33 -25.97
CA GLY A 102 -16.50 -0.39 -27.19
C GLY A 102 -16.26 0.56 -28.35
N TYR A 103 -16.24 1.86 -28.06
CA TYR A 103 -16.08 2.87 -29.12
C TYR A 103 -14.62 3.32 -29.14
N LYS A 104 -14.09 3.59 -30.32
CA LYS A 104 -12.77 4.14 -30.46
C LYS A 104 -12.75 5.58 -29.99
N VAL A 105 -11.77 6.02 -29.18
CA VAL A 105 -11.54 7.47 -28.95
C VAL A 105 -10.18 7.93 -29.49
N PRO A 106 -10.01 9.23 -29.79
CA PRO A 106 -8.83 9.57 -30.59
C PRO A 106 -7.57 9.85 -29.75
N PHE A 107 -6.97 8.76 -29.25
CA PHE A 107 -5.73 8.83 -28.52
C PHE A 107 -4.83 7.91 -29.27
N ALA A 108 -3.54 8.02 -29.05
CA ALA A 108 -2.57 7.17 -29.74
C ALA A 108 -2.83 5.66 -29.53
N VAL A 109 -2.60 4.91 -30.60
CA VAL A 109 -2.79 3.46 -30.64
C VAL A 109 -1.46 2.79 -30.87
N GLY A 110 -1.10 1.90 -29.97
CA GLY A 110 -0.01 0.96 -30.18
C GLY A 110 1.27 1.70 -30.21
N SER A 111 2.07 1.36 -31.21
CA SER A 111 3.35 1.92 -31.36
C SER A 111 3.30 3.45 -31.71
N GLN A 112 2.15 3.99 -32.11
CA GLN A 112 1.95 5.42 -32.23
C GLN A 112 2.34 6.20 -30.96
N ILE A 113 2.13 5.54 -29.80
CA ILE A 113 2.55 6.12 -28.51
C ILE A 113 4.04 6.47 -28.59
N GLN A 114 4.90 5.51 -28.91
CA GLN A 114 6.32 5.78 -28.91
C GLN A 114 6.68 6.79 -30.00
N ARG A 115 5.99 6.75 -31.13
CA ARG A 115 6.37 7.64 -32.26
C ARG A 115 6.03 9.08 -31.89
N GLU A 116 4.88 9.29 -31.21
CA GLU A 116 4.43 10.62 -30.74
C GLU A 116 5.36 11.16 -29.68
N LEU A 117 5.76 10.32 -28.72
CA LEU A 117 6.69 10.76 -27.69
C LEU A 117 8.08 11.12 -28.29
N LYS A 118 8.50 10.34 -29.29
CA LYS A 118 9.75 10.63 -30.02
C LYS A 118 9.68 11.99 -30.71
N LYS A 119 8.57 12.22 -31.41
CA LYS A 119 8.42 13.46 -32.13
C LYS A 119 8.37 14.62 -31.16
N LEU A 120 7.82 14.39 -29.99
CA LEU A 120 7.82 15.43 -28.94
C LEU A 120 9.21 15.71 -28.40
N GLU A 121 9.98 14.70 -28.07
CA GLU A 121 11.38 14.94 -27.67
C GLU A 121 12.17 15.72 -28.75
N GLN A 122 11.95 15.37 -30.01
CA GLN A 122 12.74 15.95 -31.10
C GLN A 122 12.42 17.41 -31.19
N ARG A 123 11.12 17.79 -31.09
CA ARG A 123 10.72 19.21 -31.11
C ARG A 123 11.28 19.99 -29.90
N LEU A 124 11.17 19.40 -28.72
CA LEU A 124 11.75 20.00 -27.55
C LEU A 124 13.29 20.11 -27.61
N THR A 125 13.98 19.04 -27.97
CA THR A 125 15.45 19.07 -28.10
C THR A 125 15.91 20.18 -29.04
N ALA A 126 15.23 20.29 -30.18
CA ALA A 126 15.59 21.30 -31.16
C ALA A 126 15.36 22.69 -30.57
N LYS A 127 14.40 22.84 -29.67
CA LYS A 127 14.17 24.11 -29.02
C LYS A 127 14.92 24.31 -27.65
N ASN A 128 16.01 23.57 -27.41
CA ASN A 128 16.78 23.65 -26.16
C ASN A 128 15.89 23.50 -24.93
N ASN A 129 14.92 22.62 -25.07
CA ASN A 129 13.84 22.46 -24.14
C ASN A 129 13.15 23.68 -23.63
N LEU A 130 12.93 24.65 -24.51
CA LEU A 130 12.28 25.89 -24.16
C LEU A 130 13.04 26.78 -23.18
N GLN A 131 14.31 26.48 -22.89
CA GLN A 131 15.20 27.36 -22.05
C GLN A 131 15.57 28.61 -22.83
N GLY A 132 15.59 29.76 -22.16
CA GLY A 132 15.90 31.04 -22.78
C GLY A 132 14.76 31.79 -23.44
N LEU A 133 13.53 31.42 -23.18
CA LEU A 133 12.40 32.05 -23.83
C LEU A 133 11.70 32.90 -22.80
N SER A 134 11.01 33.95 -23.23
CA SER A 134 10.09 34.73 -22.40
C SER A 134 9.02 33.88 -21.76
N ARG A 135 8.38 34.46 -20.77
CA ARG A 135 7.31 33.77 -20.04
C ARG A 135 6.23 33.39 -21.04
N GLN A 136 5.76 34.38 -21.81
CA GLN A 136 4.69 34.13 -22.82
C GLN A 136 5.05 33.11 -23.84
N GLU A 137 6.26 33.19 -24.41
CA GLU A 137 6.65 32.23 -25.44
CA GLU A 137 6.61 32.25 -25.46
C GLU A 137 6.79 30.83 -24.87
N PHE A 138 7.28 30.72 -23.63
CA PHE A 138 7.36 29.44 -22.96
C PHE A 138 5.94 28.88 -22.81
N ALA A 139 4.99 29.69 -22.32
CA ALA A 139 3.62 29.22 -22.07
C ALA A 139 3.00 28.71 -23.33
N ALA A 140 3.23 29.40 -24.47
CA ALA A 140 2.63 29.04 -25.73
C ALA A 140 3.18 27.71 -26.23
N ASN A 141 4.48 27.49 -26.17
CA ASN A 141 5.05 26.18 -26.47
C ASN A 141 4.69 25.09 -25.47
N ALA A 142 4.66 25.42 -24.17
CA ALA A 142 4.32 24.45 -23.17
C ALA A 142 2.88 23.94 -23.36
N ALA A 143 1.96 24.82 -23.75
CA ALA A 143 0.63 24.40 -24.10
C ALA A 143 0.62 23.32 -25.21
N GLU A 144 1.44 23.50 -26.26
CA GLU A 144 1.54 22.55 -27.33
C GLU A 144 2.09 21.19 -26.88
N VAL A 145 3.13 21.23 -26.04
CA VAL A 145 3.66 20.04 -25.39
C VAL A 145 2.56 19.31 -24.63
N PHE A 146 1.77 20.06 -23.85
CA PHE A 146 0.74 19.44 -22.99
C PHE A 146 -0.30 18.72 -23.88
N THR A 147 -0.66 19.32 -24.98
CA THR A 147 -1.61 18.79 -25.94
C THR A 147 -1.09 17.51 -26.62
N ALA A 148 0.22 17.50 -26.97
CA ALA A 148 0.88 16.33 -27.52
C ALA A 148 0.77 15.17 -26.51
N LEU A 149 1.01 15.45 -25.23
CA LEU A 149 0.98 14.41 -24.21
C LEU A 149 -0.45 13.89 -23.99
N ASP A 150 -1.46 14.80 -24.08
CA ASP A 150 -2.85 14.44 -23.95
C ASP A 150 -3.16 13.35 -24.93
N HIS A 151 -2.73 13.59 -26.17
CA HIS A 151 -3.08 12.73 -27.23
C HIS A 151 -2.33 11.36 -27.11
N ALA A 152 -1.09 11.38 -26.64
CA ALA A 152 -0.29 10.19 -26.51
C ALA A 152 -0.88 9.24 -25.43
N HIS A 153 -1.30 9.77 -24.28
CA HIS A 153 -1.93 9.03 -23.19
C HIS A 153 -1.25 7.68 -23.00
N PRO A 154 0.06 7.71 -22.67
CA PRO A 154 0.93 6.56 -22.82
C PRO A 154 0.70 5.37 -21.84
N PHE A 155 0.11 5.65 -20.70
CA PHE A 155 -0.04 4.66 -19.66
C PHE A 155 -1.48 4.18 -19.52
N ARG A 156 -1.63 3.02 -18.90
CA ARG A 156 -2.97 2.47 -18.62
C ARG A 156 -3.79 3.36 -17.70
N LYS A 157 -3.09 4.01 -16.75
CA LYS A 157 -3.66 4.91 -15.79
C LYS A 157 -2.53 5.78 -15.14
N GLY A 158 -2.87 6.89 -14.50
CA GLY A 158 -1.84 7.81 -13.98
C GLY A 158 -1.33 8.82 -15.00
N ASN A 159 -1.99 8.92 -16.17
CA ASN A 159 -1.51 9.86 -17.20
C ASN A 159 -1.53 11.34 -16.79
N GLY A 160 -2.62 11.81 -16.18
CA GLY A 160 -2.73 13.23 -15.83
C GLY A 160 -1.58 13.66 -14.91
N ARG A 161 -1.40 12.95 -13.81
CA ARG A 161 -0.35 13.36 -12.86
C ARG A 161 1.06 13.25 -13.41
N THR A 162 1.29 12.25 -14.25
CA THR A 162 2.55 12.05 -14.94
C THR A 162 2.84 13.21 -15.90
N GLN A 163 1.83 13.54 -16.66
CA GLN A 163 1.95 14.61 -17.63
C GLN A 163 2.17 16.00 -16.97
N ARG A 164 1.42 16.29 -15.90
CA ARG A 164 1.57 17.54 -15.13
C ARG A 164 2.98 17.67 -14.54
N MET A 165 3.47 16.56 -14.01
CA MET A 165 4.81 16.52 -13.48
C MET A 165 5.87 16.75 -14.58
N PHE A 166 5.72 16.12 -15.71
CA PHE A 166 6.61 16.41 -16.89
C PHE A 166 6.64 17.92 -17.16
N MET A 167 5.47 18.55 -17.16
CA MET A 167 5.43 19.98 -17.38
C MET A 167 6.12 20.78 -16.25
N GLU A 168 5.94 20.38 -15.01
CA GLU A 168 6.58 21.05 -13.93
C GLU A 168 8.10 21.06 -14.05
N LYS A 169 8.64 19.92 -14.45
CA LYS A 169 10.08 19.74 -14.57
C LYS A 169 10.70 20.52 -15.80
N LEU A 170 9.99 20.50 -16.91
CA LEU A 170 10.38 21.26 -18.12
C LEU A 170 10.36 22.71 -17.71
N GLY A 171 9.28 23.16 -17.08
CA GLY A 171 9.27 24.55 -16.61
C GLY A 171 10.43 24.89 -15.67
N GLN A 172 10.63 24.04 -14.68
CA GLN A 172 11.58 24.28 -13.63
C GLN A 172 12.99 24.43 -14.19
N ALA A 173 13.28 23.59 -15.15
CA ALA A 173 14.57 23.65 -15.87
C ALA A 173 14.72 24.94 -16.66
N ALA A 174 13.61 25.61 -16.96
CA ALA A 174 13.67 26.88 -17.64
C ALA A 174 13.50 28.06 -16.71
N GLY A 175 13.39 27.81 -15.41
CA GLY A 175 13.26 28.90 -14.44
C GLY A 175 11.82 29.25 -14.05
N TYR A 176 10.82 28.46 -14.43
CA TYR A 176 9.39 28.76 -14.19
C TYR A 176 8.69 27.74 -13.27
N LYS A 177 7.83 28.24 -12.39
CA LYS A 177 6.93 27.39 -11.66
C LYS A 177 5.66 27.17 -12.45
N ILE A 178 5.33 25.92 -12.73
CA ILE A 178 4.10 25.57 -13.42
C ILE A 178 3.17 25.08 -12.33
N ASP A 179 2.10 25.84 -12.10
CA ASP A 179 1.19 25.58 -11.01
C ASP A 179 -0.24 25.24 -11.42
N PHE A 180 -0.50 23.94 -11.51
CA PHE A 180 -1.79 23.44 -11.97
C PHE A 180 -2.89 23.60 -10.93
N SER A 181 -2.52 23.84 -9.67
CA SER A 181 -3.51 24.09 -8.63
C SER A 181 -4.27 25.39 -8.85
N LEU A 182 -3.80 26.28 -9.75
CA LEU A 182 -4.47 27.56 -10.03
C LEU A 182 -5.73 27.43 -10.86
N ILE A 183 -5.93 26.24 -11.42
CA ILE A 183 -6.81 26.00 -12.51
C ILE A 183 -7.85 24.92 -12.13
N THR A 184 -9.09 25.08 -12.58
CA THR A 184 -10.08 24.07 -12.25
C THR A 184 -10.00 22.91 -13.25
N LYS A 185 -10.42 21.75 -12.78
CA LYS A 185 -10.68 20.56 -13.60
C LYS A 185 -11.52 20.85 -14.85
N GLU A 186 -12.61 21.62 -14.70
CA GLU A 186 -13.54 21.94 -15.80
C GLU A 186 -12.83 22.74 -16.88
N ARG A 187 -11.97 23.64 -16.44
CA ARG A 187 -11.16 24.41 -17.35
C ARG A 187 -10.15 23.57 -18.14
N MET A 188 -9.42 22.72 -17.43
CA MET A 188 -8.46 21.82 -18.07
C MET A 188 -9.17 20.89 -19.11
N THR A 189 -10.33 20.36 -18.76
CA THR A 189 -11.13 19.58 -19.72
C THR A 189 -11.54 20.39 -20.93
N TYR A 190 -12.03 21.59 -20.73
CA TYR A 190 -12.41 22.45 -21.84
C TYR A 190 -11.22 22.71 -22.75
N ALA A 191 -10.11 23.13 -22.17
CA ALA A 191 -8.93 23.43 -22.93
C ALA A 191 -8.38 22.20 -23.66
N SER A 192 -8.41 21.01 -23.02
CA SER A 192 -7.90 19.77 -23.64
C SER A 192 -8.72 19.38 -24.89
N ILE A 193 -10.06 19.47 -24.76
CA ILE A 193 -10.95 19.09 -25.87
C ILE A 193 -10.86 20.09 -27.00
N GLU A 194 -10.85 21.36 -26.67
CA GLU A 194 -10.65 22.38 -27.73
C GLU A 194 -9.43 22.12 -28.58
N ALA A 195 -8.32 21.80 -27.94
CA ALA A 195 -7.05 21.63 -28.64
C ALA A 195 -7.03 20.29 -29.37
N MET A 196 -7.56 19.26 -28.74
CA MET A 196 -7.51 17.94 -29.36
C MET A 196 -8.61 17.67 -30.39
N GLN A 197 -9.84 18.07 -30.12
CA GLN A 197 -10.95 17.75 -31.00
C GLN A 197 -11.35 18.91 -31.92
N HIS A 198 -11.16 20.16 -31.50
CA HIS A 198 -11.67 21.24 -32.29
C HIS A 198 -10.54 22.05 -32.85
N ASN A 199 -9.35 21.48 -32.83
CA ASN A 199 -8.24 22.14 -33.47
C ASN A 199 -8.11 23.63 -32.98
N ASN A 200 -8.36 23.89 -31.67
CA ASN A 200 -8.34 25.29 -31.12
C ASN A 200 -7.38 25.38 -29.95
N PRO A 201 -6.14 25.88 -30.21
CA PRO A 201 -5.03 25.99 -29.25
C PRO A 201 -5.15 27.12 -28.23
N GLU A 202 -6.03 28.09 -28.50
CA GLU A 202 -6.11 29.32 -27.71
C GLU A 202 -6.38 29.10 -26.20
N PRO A 203 -7.40 28.29 -25.86
CA PRO A 203 -7.66 28.03 -24.45
C PRO A 203 -6.49 27.40 -23.68
N MET A 204 -5.82 26.44 -24.27
CA MET A 204 -4.68 25.80 -23.58
C MET A 204 -3.53 26.80 -23.45
N LYS A 205 -3.32 27.63 -24.48
CA LYS A 205 -2.39 28.74 -24.38
C LYS A 205 -2.74 29.70 -23.20
N ASP A 206 -3.98 30.08 -23.10
CA ASP A 206 -4.41 31.01 -22.04
C ASP A 206 -4.27 30.38 -20.67
N LEU A 207 -4.58 29.08 -20.57
CA LEU A 207 -4.36 28.30 -19.35
C LEU A 207 -2.90 28.29 -18.94
N PHE A 208 -2.01 27.99 -19.88
CA PHE A 208 -0.55 28.02 -19.53
C PHE A 208 -0.01 29.41 -19.14
N GLU A 209 -0.58 30.48 -19.71
CA GLU A 209 -0.19 31.83 -19.29
C GLU A 209 -0.60 32.10 -17.87
N ASP A 210 -1.74 31.52 -17.48
CA ASP A 210 -2.22 31.63 -16.09
C ASP A 210 -1.45 30.76 -15.10
N ILE A 211 -0.83 29.67 -15.56
CA ILE A 211 -0.07 28.79 -14.63
C ILE A 211 1.46 28.84 -14.69
N THR A 212 2.04 29.63 -15.60
CA THR A 212 3.48 29.79 -15.74
C THR A 212 4.03 31.06 -15.04
N HIS A 213 4.79 30.89 -13.96
CA HIS A 213 5.24 32.02 -13.08
C HIS A 213 6.75 32.02 -12.93
N PRO A 214 7.40 33.16 -13.21
CA PRO A 214 8.86 33.30 -13.23
C PRO A 214 9.32 33.04 -11.82
N GLN A 215 10.36 32.24 -11.62
CA GLN A 215 10.88 31.96 -10.28
C GLN A 215 12.30 32.48 -10.05
N LYS A 216 13.07 32.72 -11.12
CA LYS A 216 14.55 32.85 -11.03
C LYS A 216 14.92 33.85 -9.97
N SER A 217 14.36 35.03 -10.18
CA SER A 217 14.55 36.20 -9.37
C SER A 217 14.08 36.02 -7.92
N LEU A 218 12.90 35.40 -7.72
CA LEU A 218 12.38 35.15 -6.36
C LEU A 218 13.30 34.21 -5.58
N LEU A 219 13.73 33.13 -6.24
CA LEU A 219 14.65 32.16 -5.58
C LEU A 219 15.99 32.80 -5.21
N LEU A 220 16.49 33.67 -6.06
CA LEU A 220 17.73 34.36 -5.83
C LEU A 220 17.59 35.27 -4.63
N LYS A 221 16.49 35.99 -4.54
CA LYS A 221 16.21 36.82 -3.36
C LYS A 221 16.16 35.97 -2.07
N GLU A 222 15.33 34.93 -2.10
CA GLU A 222 15.25 33.99 -0.99
C GLU A 222 16.64 33.47 -0.63
N PHE A 223 17.35 32.96 -1.62
CA PHE A 223 18.63 32.36 -1.36
C PHE A 223 19.51 33.34 -0.62
N ILE A 224 19.62 34.57 -1.09
CA ILE A 224 20.52 35.50 -0.51
C ILE A 224 20.08 35.88 0.92
N SER A 225 18.78 36.10 1.09
CA SER A 225 18.12 36.14 2.41
C SER A 225 17.99 34.73 3.06
N GLN A 226 19.01 34.25 3.74
CA GLN A 226 18.98 32.87 4.32
C GLN A 226 20.38 32.38 4.67
N HIS B 7 -10.28 -33.68 7.91
CA HIS B 7 -11.34 -33.06 8.78
C HIS B 7 -11.54 -33.75 10.14
N HIS B 8 -11.49 -35.08 10.19
CA HIS B 8 -11.86 -35.84 11.44
C HIS B 8 -10.85 -35.73 12.60
N MET B 9 -9.66 -35.20 12.37
CA MET B 9 -8.75 -34.90 13.46
C MET B 9 -9.11 -33.63 14.27
N GLU B 10 -10.02 -32.78 13.75
CA GLU B 10 -10.46 -31.57 14.46
C GLU B 10 -11.09 -31.86 15.81
N HIS B 11 -11.75 -33.00 15.92
CA HIS B 11 -12.49 -33.33 17.17
C HIS B 11 -11.59 -33.68 18.35
N ASN B 12 -10.36 -34.08 18.04
CA ASN B 12 -9.39 -34.52 19.00
C ASN B 12 -8.83 -33.32 19.75
N TYR B 13 -9.19 -32.09 19.35
CA TYR B 13 -8.83 -30.92 20.17
C TYR B 13 -9.77 -30.82 21.44
N PHE B 14 -10.92 -31.47 21.42
CA PHE B 14 -11.95 -31.37 22.46
C PHE B 14 -12.03 -32.61 23.30
N TYR B 15 -12.49 -32.47 24.54
CA TYR B 15 -12.83 -33.63 25.34
C TYR B 15 -14.00 -34.33 24.65
N LYS B 16 -13.99 -35.65 24.71
CA LYS B 16 -15.00 -36.49 24.09
C LYS B 16 -16.39 -35.98 24.48
N ASN B 17 -17.25 -35.70 23.50
CA ASN B 17 -18.64 -35.29 23.76
C ASN B 17 -18.76 -33.87 24.31
N SER B 18 -17.76 -33.04 24.06
CA SER B 18 -17.74 -31.67 24.56
C SER B 18 -17.38 -30.78 23.42
N ALA B 19 -17.71 -29.51 23.59
CA ALA B 19 -17.13 -28.45 22.85
C ALA B 19 -16.16 -27.69 23.76
N THR B 20 -15.55 -28.37 24.74
CA THR B 20 -14.52 -27.77 25.56
C THR B 20 -13.11 -28.26 25.12
N LEU B 21 -12.22 -27.32 24.80
CA LEU B 21 -10.85 -27.67 24.40
C LEU B 21 -10.13 -28.39 25.55
N LYS B 22 -9.45 -29.49 25.20
CA LYS B 22 -8.54 -30.16 26.10
C LYS B 22 -7.57 -29.16 26.63
N ASN B 23 -7.35 -29.20 27.95
CA ASN B 23 -6.45 -28.23 28.59
C ASN B 23 -5.69 -28.76 29.82
N LYS B 24 -4.52 -28.17 30.09
CA LYS B 24 -3.65 -28.63 31.20
C LYS B 24 -4.28 -28.41 32.54
N HIS B 25 -5.31 -27.58 32.59
CA HIS B 25 -6.04 -27.29 33.82
C HIS B 25 -7.11 -28.30 34.15
N GLY B 26 -7.43 -29.23 33.25
CA GLY B 26 -8.52 -30.17 33.49
C GLY B 26 -9.92 -29.58 33.47
N ILE B 27 -10.06 -28.35 32.99
CA ILE B 27 -11.33 -27.60 33.08
C ILE B 27 -12.31 -28.07 31.99
N LYS B 28 -13.57 -28.37 32.38
CA LYS B 28 -14.56 -28.99 31.45
C LYS B 28 -15.58 -28.00 30.86
N ASN B 29 -15.65 -26.81 31.43
CA ASN B 29 -16.64 -25.80 31.05
C ASN B 29 -15.95 -24.74 30.19
N PRO B 30 -16.53 -24.40 29.02
CA PRO B 30 -15.75 -23.54 28.14
C PRO B 30 -15.57 -22.11 28.66
N ARG B 31 -16.55 -21.54 29.35
CA ARG B 31 -16.36 -20.18 29.89
C ARG B 31 -15.38 -20.22 31.09
N LYS B 32 -15.48 -21.24 31.95
CA LYS B 32 -14.47 -21.37 33.02
C LYS B 32 -13.06 -21.50 32.37
N LEU B 33 -12.95 -22.20 31.25
CA LEU B 33 -11.63 -22.34 30.59
C LEU B 33 -11.13 -20.98 30.10
N TYR B 34 -12.02 -20.25 29.44
CA TYR B 34 -11.68 -18.89 28.98
C TYR B 34 -11.14 -18.07 30.15
N GLU B 35 -11.89 -18.02 31.25
CA GLU B 35 -11.51 -17.18 32.37
C GLU B 35 -10.12 -17.54 32.95
N ARG B 36 -9.83 -18.82 33.06
CA ARG B 36 -8.53 -19.28 33.61
C ARG B 36 -7.42 -19.03 32.59
N CYS B 37 -7.75 -19.34 31.32
CA CYS B 37 -6.85 -18.98 30.23
C CYS B 37 -6.45 -17.48 30.18
N ALA B 38 -7.46 -16.60 30.17
CA ALA B 38 -7.26 -15.13 30.27
C ALA B 38 -6.42 -14.71 31.47
N HIS B 39 -6.71 -15.26 32.64
CA HIS B 39 -5.88 -15.03 33.82
C HIS B 39 -4.39 -15.37 33.53
N GLU B 40 -4.12 -16.60 33.01
CA GLU B 40 -2.75 -17.07 32.81
C GLU B 40 -2.00 -16.28 31.71
N THR B 41 -2.65 -16.07 30.57
CA THR B 41 -2.01 -15.34 29.49
C THR B 41 -1.69 -13.86 29.88
N ALA B 42 -2.61 -13.17 30.54
CA ALA B 42 -2.32 -11.83 31.09
C ALA B 42 -1.05 -11.74 31.92
N ARG B 43 -0.84 -12.71 32.84
CA ARG B 43 0.37 -12.76 33.63
C ARG B 43 1.61 -12.96 32.80
N GLU B 44 1.56 -13.95 31.93
CA GLU B 44 2.70 -14.24 31.11
C GLU B 44 3.02 -13.03 30.21
N ALA B 45 1.99 -12.29 29.80
CA ALA B 45 2.15 -11.09 28.97
C ALA B 45 2.99 -10.01 29.66
N VAL B 46 2.82 -9.88 30.97
CA VAL B 46 3.53 -8.88 31.75
C VAL B 46 5.02 -9.10 31.60
N ASN B 47 5.43 -10.34 31.73
CA ASN B 47 6.84 -10.71 31.67
C ASN B 47 7.41 -10.68 30.25
N PHE B 48 6.61 -11.06 29.29
CA PHE B 48 7.05 -11.08 27.89
C PHE B 48 7.38 -9.70 27.33
N ARG B 49 6.60 -8.68 27.70
CA ARG B 49 6.93 -7.28 27.36
C ARG B 49 8.37 -6.83 27.69
N LEU B 50 9.01 -7.45 28.68
CA LEU B 50 10.37 -7.09 29.11
C LEU B 50 11.47 -7.85 28.32
N GLU B 51 11.10 -8.92 27.62
CA GLU B 51 12.08 -9.67 26.83
C GLU B 51 12.63 -8.83 25.70
N PRO B 52 13.89 -9.05 25.28
CA PRO B 52 14.40 -8.32 24.10
C PRO B 52 13.75 -8.81 22.83
N PRO B 53 13.73 -7.97 21.78
CA PRO B 53 13.10 -8.33 20.57
C PRO B 53 14.03 -9.16 19.71
N PRO B 54 13.45 -10.08 18.92
CA PRO B 54 14.21 -10.89 17.97
C PRO B 54 14.73 -10.01 16.87
N GLY B 55 15.61 -10.54 16.03
CA GLY B 55 16.05 -9.85 14.80
C GLY B 55 15.14 -9.99 13.59
N LYS B 56 14.29 -11.01 13.59
CA LYS B 56 13.30 -11.34 12.55
C LYS B 56 11.92 -11.56 13.23
N PHE B 57 10.90 -10.99 12.63
CA PHE B 57 9.55 -11.12 13.05
C PHE B 57 8.80 -12.07 12.14
N ASP B 58 8.81 -13.34 12.50
CA ASP B 58 8.50 -14.39 11.56
C ASP B 58 7.61 -15.40 12.23
N ALA B 59 7.32 -16.48 11.53
CA ALA B 59 6.51 -17.58 12.09
C ALA B 59 7.10 -18.18 13.39
N ALA B 60 8.40 -18.33 13.44
CA ALA B 60 9.07 -18.90 14.62
C ALA B 60 8.87 -17.95 15.81
N TYR B 61 8.89 -16.66 15.57
CA TYR B 61 8.65 -15.71 16.65
C TYR B 61 7.19 -15.76 17.14
N LEU B 62 6.26 -15.83 16.19
CA LEU B 62 4.86 -16.08 16.54
C LEU B 62 4.65 -17.35 17.42
N ARG B 63 5.33 -18.42 17.09
CA ARG B 63 5.22 -19.68 17.89
C ARG B 63 5.85 -19.45 19.25
N THR B 64 6.94 -18.70 19.29
CA THR B 64 7.58 -18.34 20.55
C THR B 64 6.57 -17.61 21.44
N ILE B 65 5.92 -16.60 20.87
CA ILE B 65 4.91 -15.82 21.64
C ILE B 65 3.75 -16.72 22.10
N HIS B 66 3.20 -17.50 21.18
CA HIS B 66 2.06 -18.38 21.53
C HIS B 66 2.49 -19.37 22.63
N TRP B 67 3.70 -19.91 22.53
CA TRP B 67 4.19 -20.83 23.58
C TRP B 67 4.31 -20.10 24.96
N CYS B 68 4.98 -18.95 24.96
CA CYS B 68 5.15 -18.20 26.19
C CYS B 68 3.78 -17.91 26.86
N LEU B 69 2.80 -17.52 26.02
CA LEU B 69 1.49 -17.18 26.56
C LEU B 69 0.62 -18.38 27.00
N PHE B 70 0.66 -19.46 26.24
CA PHE B 70 -0.35 -20.51 26.37
C PHE B 70 0.16 -21.87 26.88
N HIS B 71 1.43 -22.02 27.16
CA HIS B 71 1.94 -23.35 27.53
C HIS B 71 1.47 -23.86 28.90
N ASN B 72 1.03 -22.99 29.81
CA ASN B 72 0.44 -23.43 31.05
C ASN B 72 -0.98 -23.98 30.79
N THR B 73 -1.60 -23.63 29.63
CA THR B 73 -2.99 -23.97 29.34
C THR B 73 -3.16 -25.10 28.35
N PHE B 74 -2.43 -25.03 27.22
CA PHE B 74 -2.58 -26.00 26.10
C PHE B 74 -1.31 -26.80 25.80
N GLU B 75 -1.46 -28.13 25.66
CA GLU B 75 -0.32 -28.98 25.28
C GLU B 75 0.29 -28.55 23.96
N TRP B 76 -0.55 -27.96 23.09
CA TRP B 76 -0.13 -27.62 21.71
C TRP B 76 0.32 -26.15 21.57
N ALA B 77 0.52 -25.49 22.69
CA ALA B 77 1.06 -24.14 22.69
C ALA B 77 2.32 -24.11 21.84
N GLY B 78 2.32 -23.19 20.91
CA GLY B 78 3.47 -22.92 20.06
C GLY B 78 3.43 -23.75 18.81
N VAL B 79 2.32 -24.45 18.59
CA VAL B 79 2.17 -25.31 17.44
C VAL B 79 1.02 -24.77 16.54
N THR B 80 1.26 -24.49 15.26
CA THR B 80 0.22 -23.97 14.39
C THR B 80 -0.77 -25.10 13.98
N ARG B 81 -1.99 -24.69 13.65
CA ARG B 81 -3.12 -25.64 13.39
C ARG B 81 -3.03 -26.51 12.14
N ASP B 82 -2.12 -26.16 11.23
CA ASP B 82 -1.87 -27.01 10.08
C ASP B 82 -1.04 -28.24 10.42
N GLN B 83 -0.30 -28.16 11.51
CA GLN B 83 0.64 -29.24 11.91
C GLN B 83 -0.10 -30.27 12.80
N PRO B 84 -0.11 -31.57 12.44
CA PRO B 84 -0.64 -32.65 13.35
C PRO B 84 0.04 -32.59 14.68
N PHE B 85 -0.77 -32.58 15.70
CA PHE B 85 -0.26 -32.59 17.04
C PHE B 85 -0.81 -33.75 17.84
N THR B 86 0.10 -34.56 18.38
CA THR B 86 -0.25 -35.66 19.24
C THR B 86 -0.26 -35.35 20.73
N PHE B 87 -1.44 -35.45 21.35
CA PHE B 87 -1.56 -35.24 22.77
C PHE B 87 -0.94 -36.41 23.57
N GLU B 88 -0.68 -36.16 24.86
CA GLU B 88 -0.31 -37.20 25.83
C GLU B 88 -1.31 -38.35 25.86
N ASP B 89 -2.59 -38.07 25.61
CA ASP B 89 -3.61 -39.13 25.47
C ASP B 89 -3.51 -40.04 24.25
N GLY B 90 -2.57 -39.78 23.34
CA GLY B 90 -2.37 -40.64 22.17
C GLY B 90 -3.07 -40.19 20.91
N SER B 91 -4.04 -39.29 21.03
CA SER B 91 -4.80 -38.75 19.88
C SER B 91 -4.07 -37.60 19.22
N THR B 92 -4.38 -37.43 17.93
CA THR B 92 -3.73 -36.41 17.04
C THR B 92 -4.77 -35.49 16.47
N ALA B 93 -4.51 -34.20 16.65
CA ALA B 93 -5.37 -33.15 16.22
C ALA B 93 -4.70 -32.21 15.22
N CYS B 94 -5.51 -31.67 14.31
CA CYS B 94 -5.17 -30.50 13.54
C CYS B 94 -6.44 -29.94 12.88
N MET B 95 -6.31 -28.77 12.30
CA MET B 95 -7.43 -28.04 11.73
C MET B 95 -6.84 -27.12 10.64
N PRO B 96 -6.59 -27.71 9.46
CA PRO B 96 -6.03 -26.97 8.33
C PRO B 96 -6.96 -25.89 7.87
N ALA B 97 -8.27 -26.13 7.97
CA ALA B 97 -9.27 -25.24 7.40
C ALA B 97 -10.29 -24.78 8.41
N MET B 98 -10.51 -23.48 8.58
CA MET B 98 -11.57 -23.05 9.51
C MET B 98 -12.93 -23.16 8.80
N ARG B 99 -13.85 -23.93 9.32
CA ARG B 99 -15.16 -24.16 8.64
C ARG B 99 -16.33 -24.03 9.61
N PRO B 100 -16.53 -22.83 10.20
CA PRO B 100 -17.63 -22.73 11.14
C PRO B 100 -18.99 -23.06 10.50
N LYS B 101 -19.79 -23.87 11.20
CA LYS B 101 -21.07 -24.36 10.74
C LYS B 101 -21.05 -25.00 9.35
N GLY B 102 -19.89 -25.52 8.96
CA GLY B 102 -19.73 -26.18 7.68
C GLY B 102 -19.36 -25.26 6.56
N TYR B 103 -19.34 -23.96 6.80
CA TYR B 103 -19.01 -23.01 5.74
C TYR B 103 -17.52 -22.60 5.74
N LYS B 104 -16.96 -22.43 4.54
CA LYS B 104 -15.64 -21.89 4.35
C LYS B 104 -15.67 -20.45 4.82
N VAL B 105 -14.60 -20.00 5.48
CA VAL B 105 -14.35 -18.58 5.76
C VAL B 105 -12.95 -18.23 5.29
N PRO B 106 -12.74 -16.98 4.84
CA PRO B 106 -11.48 -16.72 4.14
C PRO B 106 -10.29 -16.50 5.09
N PHE B 107 -9.87 -17.53 5.82
CA PHE B 107 -8.58 -17.53 6.50
C PHE B 107 -7.64 -18.46 5.77
N ALA B 108 -6.36 -18.39 6.10
CA ALA B 108 -5.41 -19.32 5.53
C ALA B 108 -5.74 -20.80 5.79
N VAL B 109 -5.48 -21.59 4.77
CA VAL B 109 -5.73 -23.02 4.74
C VAL B 109 -4.44 -23.79 4.63
N GLY B 110 -4.20 -24.71 5.57
CA GLY B 110 -3.05 -25.61 5.48
C GLY B 110 -1.71 -24.93 5.40
N SER B 111 -0.90 -25.36 4.46
CA SER B 111 0.45 -24.82 4.24
C SER B 111 0.45 -23.29 3.88
N GLN B 112 -0.69 -22.80 3.42
CA GLN B 112 -0.86 -21.38 3.20
C GLN B 112 -0.49 -20.52 4.43
N ILE B 113 -0.70 -21.09 5.64
CA ILE B 113 -0.33 -20.47 6.90
C ILE B 113 1.16 -20.15 6.92
N GLN B 114 2.00 -21.12 6.63
CA GLN B 114 3.42 -20.91 6.61
C GLN B 114 3.85 -19.92 5.50
N ARG B 115 3.27 -20.05 4.32
CA ARG B 115 3.62 -19.20 3.16
C ARG B 115 3.28 -17.72 3.45
N GLU B 116 2.15 -17.50 4.08
CA GLU B 116 1.66 -16.14 4.40
C GLU B 116 2.52 -15.53 5.53
N LEU B 117 2.90 -16.34 6.52
CA LEU B 117 3.82 -15.83 7.52
C LEU B 117 5.22 -15.50 6.98
N LYS B 118 5.64 -16.29 5.98
CA LYS B 118 6.92 -16.11 5.35
C LYS B 118 6.92 -14.78 4.59
N LYS B 119 5.85 -14.55 3.86
CA LYS B 119 5.69 -13.36 3.04
C LYS B 119 5.67 -12.16 3.99
N LEU B 120 4.98 -12.29 5.13
CA LEU B 120 4.98 -11.22 6.14
C LEU B 120 6.36 -10.92 6.70
N GLU B 121 7.13 -11.94 7.04
CA GLU B 121 8.52 -11.76 7.53
C GLU B 121 9.37 -11.04 6.48
N GLN B 122 9.18 -11.42 5.21
CA GLN B 122 10.00 -10.83 4.15
C GLN B 122 9.78 -9.33 4.01
N ARG B 123 8.52 -8.88 3.97
CA ARG B 123 8.15 -7.48 3.93
C ARG B 123 8.68 -6.68 5.14
N LEU B 124 8.52 -7.23 6.33
CA LEU B 124 9.03 -6.60 7.55
C LEU B 124 10.54 -6.56 7.59
N THR B 125 11.19 -7.67 7.32
CA THR B 125 12.65 -7.70 7.20
C THR B 125 13.17 -6.66 6.18
N ALA B 126 12.59 -6.66 4.99
CA ALA B 126 12.96 -5.66 4.02
C ALA B 126 12.83 -4.24 4.57
N LYS B 127 11.79 -3.92 5.37
CA LYS B 127 11.56 -2.53 5.86
C LYS B 127 12.19 -2.34 7.26
N ASN B 128 13.18 -3.14 7.59
CA ASN B 128 13.88 -3.06 8.86
C ASN B 128 13.00 -3.11 10.07
N ASN B 129 11.97 -3.96 9.98
CA ASN B 129 10.99 -4.13 11.04
C ASN B 129 10.33 -2.83 11.48
N LEU B 130 10.17 -1.89 10.52
CA LEU B 130 9.46 -0.61 10.68
C LEU B 130 10.19 0.34 11.60
N GLN B 131 11.48 0.06 11.83
CA GLN B 131 12.33 0.98 12.58
C GLN B 131 12.70 2.18 11.70
N GLY B 132 12.72 3.37 12.28
CA GLY B 132 13.18 4.56 11.59
C GLY B 132 12.06 5.35 10.96
N LEU B 133 10.82 4.91 11.13
CA LEU B 133 9.69 5.58 10.53
C LEU B 133 9.03 6.59 11.49
N SER B 134 8.33 7.57 10.97
CA SER B 134 7.55 8.50 11.78
C SER B 134 6.42 7.72 12.45
N ARG B 135 5.80 8.27 13.49
CA ARG B 135 4.67 7.60 14.15
C ARG B 135 3.53 7.19 13.18
N GLN B 136 3.14 8.08 12.27
CA GLN B 136 2.08 7.81 11.30
C GLN B 136 2.48 6.73 10.30
N GLU B 137 3.68 6.85 9.75
CA GLU B 137 4.20 5.87 8.81
C GLU B 137 4.26 4.50 9.45
N PHE B 138 4.65 4.43 10.73
CA PHE B 138 4.69 3.17 11.45
C PHE B 138 3.29 2.59 11.58
N ALA B 139 2.32 3.44 11.96
CA ALA B 139 0.98 2.97 12.17
C ALA B 139 0.37 2.39 10.90
N ALA B 140 0.53 3.07 9.75
CA ALA B 140 -0.03 2.56 8.50
C ALA B 140 0.58 1.23 8.13
N ASN B 141 1.89 1.08 8.35
CA ASN B 141 2.57 -0.19 8.10
C ASN B 141 2.15 -1.28 9.07
N ALA B 142 2.02 -0.92 10.31
CA ALA B 142 1.62 -1.85 11.33
C ALA B 142 0.22 -2.36 11.08
N ALA B 143 -0.68 -1.49 10.61
CA ALA B 143 -2.04 -1.88 10.25
C ALA B 143 -2.02 -3.02 9.24
N GLU B 144 -1.18 -2.91 8.18
CA GLU B 144 -1.02 -3.98 7.14
C GLU B 144 -0.50 -5.31 7.69
N VAL B 145 0.43 -5.20 8.62
CA VAL B 145 0.93 -6.39 9.33
C VAL B 145 -0.17 -7.08 10.11
N PHE B 146 -0.97 -6.29 10.84
CA PHE B 146 -2.04 -6.84 11.70
C PHE B 146 -3.11 -7.55 10.83
N THR B 147 -3.40 -6.98 9.67
CA THR B 147 -4.33 -7.56 8.69
C THR B 147 -3.77 -8.89 8.14
N ALA B 148 -2.50 -8.90 7.81
CA ALA B 148 -1.83 -10.14 7.34
C ALA B 148 -1.99 -11.28 8.38
N LEU B 149 -1.69 -10.98 9.62
CA LEU B 149 -1.89 -11.91 10.78
C LEU B 149 -3.33 -12.35 11.01
N ASP B 150 -4.30 -11.43 10.82
CA ASP B 150 -5.72 -11.75 10.88
C ASP B 150 -6.05 -12.90 9.94
N HIS B 151 -5.57 -12.76 8.72
CA HIS B 151 -5.92 -13.67 7.66
C HIS B 151 -5.20 -15.02 7.83
N ALA B 152 -3.99 -14.97 8.33
CA ALA B 152 -3.23 -16.21 8.59
C ALA B 152 -3.88 -17.09 9.69
N HIS B 153 -4.39 -16.45 10.75
CA HIS B 153 -5.01 -17.15 11.88
C HIS B 153 -4.29 -18.49 12.17
N PRO B 154 -3.04 -18.43 12.55
CA PRO B 154 -2.23 -19.64 12.54
C PRO B 154 -2.52 -20.72 13.60
N PHE B 155 -3.15 -20.38 14.68
CA PHE B 155 -3.32 -21.34 15.77
C PHE B 155 -4.72 -21.82 15.92
N ARG B 156 -4.89 -22.94 16.61
CA ARG B 156 -6.26 -23.46 16.90
C ARG B 156 -7.10 -22.53 17.78
N LYS B 157 -6.41 -21.82 18.69
CA LYS B 157 -6.99 -20.87 19.59
C LYS B 157 -5.84 -19.99 20.11
N GLY B 158 -6.15 -18.83 20.66
CA GLY B 158 -5.10 -17.89 21.11
C GLY B 158 -4.52 -16.99 20.06
N ASN B 159 -5.16 -16.90 18.90
CA ASN B 159 -4.69 -15.98 17.88
C ASN B 159 -4.66 -14.51 18.22
N GLY B 160 -5.74 -13.98 18.85
CA GLY B 160 -5.83 -12.51 19.07
C GLY B 160 -4.71 -12.03 20.01
N ARG B 161 -4.56 -12.72 21.14
CA ARG B 161 -3.57 -12.34 22.12
C ARG B 161 -2.14 -12.39 21.54
N THR B 162 -1.89 -13.43 20.74
CA THR B 162 -0.60 -13.69 20.14
C THR B 162 -0.28 -12.59 19.12
N GLN B 163 -1.25 -12.29 18.28
CA GLN B 163 -1.13 -11.27 17.29
C GLN B 163 -0.90 -9.88 17.92
N ARG B 164 -1.63 -9.56 18.96
CA ARG B 164 -1.47 -8.26 19.68
C ARG B 164 -0.09 -8.14 20.32
N MET B 165 0.38 -9.24 20.92
CA MET B 165 1.74 -9.22 21.47
C MET B 165 2.81 -9.12 20.38
N PHE B 166 2.59 -9.78 19.28
CA PHE B 166 3.51 -9.56 18.13
C PHE B 166 3.62 -8.10 17.78
N MET B 167 2.48 -7.42 17.66
CA MET B 167 2.54 -5.98 17.30
C MET B 167 3.16 -5.16 18.46
N GLU B 168 2.87 -5.49 19.73
CA GLU B 168 3.47 -4.75 20.87
C GLU B 168 4.97 -4.83 20.76
N LYS B 169 5.48 -6.02 20.43
CA LYS B 169 6.91 -6.21 20.37
C LYS B 169 7.55 -5.49 19.18
N LEU B 170 6.89 -5.58 18.03
CA LEU B 170 7.31 -4.85 16.84
C LEU B 170 7.36 -3.33 17.13
N GLY B 171 6.32 -2.82 17.77
CA GLY B 171 6.30 -1.42 18.10
C GLY B 171 7.44 -1.04 19.03
N GLN B 172 7.56 -1.82 20.09
CA GLN B 172 8.54 -1.60 21.13
C GLN B 172 9.99 -1.58 20.58
N ALA B 173 10.28 -2.55 19.72
CA ALA B 173 11.54 -2.53 19.08
C ALA B 173 11.77 -1.26 18.24
N ALA B 174 10.71 -0.64 17.76
CA ALA B 174 10.81 0.65 17.03
C ALA B 174 10.70 1.91 17.90
N GLY B 175 10.43 1.73 19.20
CA GLY B 175 10.33 2.85 20.11
C GLY B 175 8.91 3.30 20.43
N TYR B 176 7.92 2.49 20.11
CA TYR B 176 6.50 2.84 20.29
C TYR B 176 5.85 1.84 21.28
N LYS B 177 4.93 2.36 22.08
CA LYS B 177 3.97 1.57 22.84
C LYS B 177 2.74 1.37 21.93
N ILE B 178 2.41 0.11 21.64
CA ILE B 178 1.14 -0.19 21.01
C ILE B 178 0.16 -0.68 22.10
N ASP B 179 -0.89 0.09 22.31
CA ASP B 179 -1.81 -0.19 23.41
C ASP B 179 -3.26 -0.46 22.94
N PHE B 180 -3.56 -1.75 22.89
CA PHE B 180 -4.86 -2.26 22.45
C PHE B 180 -5.95 -2.15 23.51
N SER B 181 -5.61 -1.79 24.76
CA SER B 181 -6.64 -1.70 25.78
C SER B 181 -7.48 -0.44 25.50
N LEU B 182 -7.00 0.45 24.62
CA LEU B 182 -7.68 1.73 24.33
C LEU B 182 -8.85 1.64 23.32
N ILE B 183 -9.08 0.43 22.79
CA ILE B 183 -9.92 0.16 21.62
C ILE B 183 -10.98 -0.86 22.06
N THR B 184 -12.25 -0.68 21.69
CA THR B 184 -13.26 -1.66 22.00
C THR B 184 -13.17 -2.87 21.11
N LYS B 185 -13.76 -3.97 21.57
CA LYS B 185 -13.85 -5.13 20.73
C LYS B 185 -14.57 -4.86 19.41
N GLU B 186 -15.72 -4.21 19.45
CA GLU B 186 -16.53 -3.92 18.25
C GLU B 186 -15.72 -3.11 17.23
N ARG B 187 -14.93 -2.16 17.71
CA ARG B 187 -14.10 -1.41 16.81
C ARG B 187 -13.01 -2.27 16.16
N MET B 188 -12.36 -3.13 16.93
CA MET B 188 -11.43 -4.08 16.36
C MET B 188 -12.14 -4.96 15.29
N THR B 189 -13.35 -5.45 15.59
CA THR B 189 -14.06 -6.28 14.64
C THR B 189 -14.41 -5.57 13.31
N TYR B 190 -14.93 -4.37 13.43
CA TYR B 190 -15.12 -3.48 12.29
C TYR B 190 -13.85 -3.34 11.47
N ALA B 191 -12.74 -2.93 12.10
CA ALA B 191 -11.53 -2.67 11.29
C ALA B 191 -11.00 -3.97 10.65
N SER B 192 -11.14 -5.10 11.36
CA SER B 192 -10.72 -6.42 10.81
C SER B 192 -11.54 -6.89 9.62
N ILE B 193 -12.84 -6.83 9.76
CA ILE B 193 -13.80 -7.15 8.70
C ILE B 193 -13.63 -6.20 7.49
N GLU B 194 -13.57 -4.89 7.74
CA GLU B 194 -13.31 -3.92 6.66
C GLU B 194 -12.07 -4.26 5.80
N ALA B 195 -10.97 -4.57 6.46
CA ALA B 195 -9.75 -5.01 5.73
C ALA B 195 -9.84 -6.39 5.08
N MET B 196 -10.48 -7.36 5.74
CA MET B 196 -10.50 -8.76 5.24
C MET B 196 -11.63 -8.99 4.23
N GLN B 197 -12.86 -8.71 4.64
CA GLN B 197 -14.04 -8.85 3.78
C GLN B 197 -14.13 -7.76 2.76
N HIS B 198 -13.81 -6.53 3.12
CA HIS B 198 -14.08 -5.44 2.19
C HIS B 198 -12.87 -4.79 1.52
N ASN B 199 -11.70 -5.37 1.71
CA ASN B 199 -10.49 -4.89 1.04
C ASN B 199 -10.31 -3.38 1.23
N ASN B 200 -10.54 -2.95 2.47
CA ASN B 200 -10.53 -1.53 2.80
C ASN B 200 -9.55 -1.35 3.96
N PRO B 201 -8.32 -0.91 3.63
CA PRO B 201 -7.34 -0.83 4.75
C PRO B 201 -7.48 0.42 5.66
N GLU B 202 -8.30 1.41 5.32
CA GLU B 202 -8.39 2.68 6.07
C GLU B 202 -8.83 2.55 7.58
N PRO B 203 -9.85 1.78 7.87
CA PRO B 203 -10.19 1.72 9.32
C PRO B 203 -9.07 1.10 10.25
N MET B 204 -8.37 0.08 9.79
CA MET B 204 -7.27 -0.48 10.59
C MET B 204 -6.10 0.55 10.72
N LYS B 205 -5.83 1.32 9.65
CA LYS B 205 -4.86 2.39 9.74
C LYS B 205 -5.25 3.44 10.79
N ASP B 206 -6.52 3.82 10.78
CA ASP B 206 -7.01 4.79 11.75
C ASP B 206 -6.94 4.25 13.17
N LEU B 207 -7.21 2.96 13.33
CA LEU B 207 -7.06 2.30 14.62
C LEU B 207 -5.62 2.31 15.09
N PHE B 208 -4.67 1.92 14.24
CA PHE B 208 -3.22 1.99 14.65
C PHE B 208 -2.68 3.43 14.98
N GLU B 209 -3.12 4.43 14.23
CA GLU B 209 -2.90 5.84 14.66
C GLU B 209 -3.40 6.17 16.13
N ASP B 210 -4.51 5.57 16.51
CA ASP B 210 -5.09 5.88 17.77
C ASP B 210 -4.38 5.16 18.90
N ILE B 211 -3.66 4.06 18.62
CA ILE B 211 -3.06 3.23 19.67
C ILE B 211 -1.53 3.17 19.60
N THR B 212 -0.90 3.91 18.67
CA THR B 212 0.56 3.96 18.54
C THR B 212 1.14 5.20 19.21
N HIS B 213 1.96 4.99 20.24
CA HIS B 213 2.47 6.07 21.08
C HIS B 213 3.97 6.10 21.24
N PRO B 214 4.62 7.19 20.82
CA PRO B 214 6.03 7.47 21.12
C PRO B 214 6.35 7.22 22.57
N GLN B 215 7.48 6.52 22.82
CA GLN B 215 7.90 6.19 24.19
C GLN B 215 9.38 6.48 24.49
N LYS B 216 10.26 6.49 23.46
CA LYS B 216 11.74 6.66 23.65
C LYS B 216 12.12 7.81 24.58
N SER B 217 11.57 8.99 24.28
CA SER B 217 11.88 10.15 25.12
C SER B 217 11.31 10.07 26.50
N LEU B 218 10.05 9.65 26.59
CA LEU B 218 9.34 9.55 27.85
C LEU B 218 10.14 8.61 28.72
N LEU B 219 10.63 7.50 28.16
CA LEU B 219 11.39 6.51 28.98
C LEU B 219 12.78 6.99 29.32
N LEU B 220 13.43 7.72 28.41
CA LEU B 220 14.73 8.28 28.74
C LEU B 220 14.64 9.32 29.87
N LYS B 221 13.64 10.18 29.81
CA LYS B 221 13.46 11.13 30.87
C LYS B 221 13.24 10.43 32.23
N GLU B 222 12.39 9.42 32.21
CA GLU B 222 12.08 8.67 33.43
C GLU B 222 13.36 7.97 33.96
N PHE B 223 14.05 7.23 33.09
CA PHE B 223 15.34 6.63 33.43
C PHE B 223 16.32 7.61 34.06
N ILE B 224 16.47 8.79 33.48
CA ILE B 224 17.44 9.74 34.02
C ILE B 224 16.98 10.28 35.37
N SER B 225 15.67 10.47 35.51
CA SER B 225 15.05 10.87 36.79
C SER B 225 15.29 9.95 37.97
N GLN B 226 15.38 8.63 37.74
CA GLN B 226 15.41 7.61 38.83
C GLN B 226 16.80 7.12 39.31
#